data_1EJN
#
_entry.id   1EJN
#
_cell.length_a   52.85
_cell.length_b   54.77
_cell.length_c   81.58
_cell.angle_alpha   90.00
_cell.angle_beta   90.00
_cell.angle_gamma   90.00
#
_symmetry.space_group_name_H-M   'P 21 21 21'
#
loop_
_entity.id
_entity.type
_entity.pdbx_description
1 polymer 'UROKINASE-TYPE PLASMINOGEN ACTIVATOR'
2 non-polymer 'SULFATE ION'
3 non-polymer "N-(1-ADAMANTYL)-N'-(4-GUANIDINOBENZYL)UREA"
4 water water
#
_entity_poly.entity_id   1
_entity_poly.type   'polypeptide(L)'
_entity_poly.pdbx_seq_one_letter_code
;IIGGEFTTIENQPWFAAIYRRHRGGSVTYVCGGSLISPCWVISATHCFIDYPKKEDYIVYLGRSRLNSNTQGEMKFEVEN
LILHKDYSADTLAHHNDIALLKIRSKEGRCAQPSRTIQTISLPSMYNDPQFGTSCEITGFGKENSTDYLYPEQLKMTVVK
LISHRECQQPHYYGSEVTTKMLCAADPQWKTDSCQGDSGGPLVCSLQGRMTLTGIVSWGRGCALKDKPGVYTRVSHFLPW
IRSHTKEENGLAL
;
_entity_poly.pdbx_strand_id   A
#
loop_
_chem_comp.id
_chem_comp.type
_chem_comp.name
_chem_comp.formula
AGB non-polymer N-(1-ADAMANTYL)-N'-(4-GUANIDINOBENZYL)UREA 'C19 H27 N5 O'
SO4 non-polymer 'SULFATE ION' 'O4 S -2'
#
# COMPACT_ATOMS: atom_id res chain seq x y z
N ILE A 1 10.28 -0.22 4.87
CA ILE A 1 10.79 -1.48 4.25
C ILE A 1 12.11 -1.88 4.91
N ILE A 2 12.15 -3.07 5.48
CA ILE A 2 13.37 -3.60 6.10
C ILE A 2 14.15 -4.24 4.97
N GLY A 3 15.43 -3.89 4.84
CA GLY A 3 16.24 -4.46 3.78
C GLY A 3 15.83 -3.90 2.43
N GLY A 4 15.99 -4.70 1.38
CA GLY A 4 15.64 -4.24 0.05
C GLY A 4 16.62 -3.21 -0.48
N GLU A 5 16.18 -2.43 -1.46
CA GLU A 5 17.03 -1.42 -2.07
C GLU A 5 16.28 -0.10 -2.23
N PHE A 6 17.04 0.99 -2.34
CA PHE A 6 16.44 2.28 -2.58
C PHE A 6 16.06 2.27 -4.06
N THR A 7 15.01 3.00 -4.43
CA THR A 7 14.53 3.06 -5.80
C THR A 7 14.02 4.46 -6.11
N THR A 8 13.45 4.65 -7.30
CA THR A 8 12.89 5.94 -7.72
C THR A 8 11.49 5.68 -8.29
N ILE A 9 10.64 6.71 -8.36
CA ILE A 9 9.29 6.48 -8.89
C ILE A 9 9.23 6.01 -10.32
N GLU A 10 10.30 6.24 -11.09
CA GLU A 10 10.29 5.79 -12.48
C GLU A 10 10.16 4.25 -12.52
N ASN A 11 10.64 3.62 -11.44
CA ASN A 11 10.58 2.16 -11.31
C ASN A 11 9.25 1.73 -10.68
N GLN A 12 8.61 2.64 -9.94
CA GLN A 12 7.32 2.35 -9.27
C GLN A 12 6.37 3.53 -9.57
N PRO A 13 6.11 3.82 -10.86
CA PRO A 13 5.24 4.92 -11.28
C PRO A 13 3.82 5.04 -10.72
N TRP A 14 3.27 3.93 -10.22
CA TRP A 14 1.94 3.92 -9.65
C TRP A 14 1.90 4.26 -8.16
N PHE A 15 3.06 4.40 -7.54
CA PHE A 15 3.10 4.69 -6.10
C PHE A 15 2.65 6.09 -5.73
N ALA A 16 1.74 6.18 -4.77
CA ALA A 16 1.23 7.46 -4.30
C ALA A 16 1.63 7.67 -2.84
N ALA A 17 2.16 8.86 -2.54
CA ALA A 17 2.58 9.23 -1.18
C ALA A 17 1.48 10.11 -0.57
N ILE A 18 0.94 9.66 0.56
CA ILE A 18 -0.15 10.38 1.24
C ILE A 18 0.33 11.06 2.52
N TYR A 19 0.13 12.38 2.60
CA TYR A 19 0.53 13.17 3.76
C TYR A 19 -0.68 13.81 4.42
N ARG A 20 -0.51 14.25 5.67
CA ARG A 20 -1.59 14.91 6.39
C ARG A 20 -1.15 16.31 6.81
N ARG A 21 -2.03 17.29 6.57
CA ARG A 21 -1.78 18.68 6.94
C ARG A 21 -2.05 18.84 8.43
N HIS A 22 -1.15 19.52 9.13
CA HIS A 22 -1.31 19.75 10.56
C HIS A 22 -1.60 21.21 10.86
N ARG A 23 -2.10 21.46 12.07
CA ARG A 23 -2.43 22.80 12.54
C ARG A 23 -1.14 23.61 12.66
N GLY A 24 -0.91 24.49 11.69
CA GLY A 24 0.29 25.32 11.70
C GLY A 24 0.91 25.40 10.31
N GLY A 25 1.43 24.27 9.83
CA GLY A 25 2.05 24.24 8.52
C GLY A 25 2.86 22.99 8.27
N SER A 26 3.05 22.17 9.31
CA SER A 26 3.82 20.94 9.19
C SER A 26 3.04 19.82 8.51
N VAL A 27 3.63 19.26 7.46
CA VAL A 27 3.01 18.18 6.69
C VAL A 27 3.81 16.90 6.95
N THR A 28 3.18 15.92 7.58
CA THR A 28 3.84 14.65 7.88
C THR A 28 3.34 13.49 7.02
N TYR A 29 4.22 12.54 6.75
CA TYR A 29 3.88 11.37 5.95
C TYR A 29 2.94 10.45 6.71
N VAL A 30 1.96 9.89 6.01
CA VAL A 30 1.00 9.00 6.62
C VAL A 30 1.15 7.58 6.09
N CYS A 31 0.80 7.39 4.82
CA CYS A 31 0.82 6.07 4.21
C CYS A 31 1.10 6.07 2.72
N GLY A 32 1.27 4.87 2.19
CA GLY A 32 1.48 4.69 0.77
C GLY A 32 0.14 4.42 0.12
N GLY A 33 0.16 4.31 -1.21
CA GLY A 33 -1.06 4.05 -1.96
C GLY A 33 -0.70 3.74 -3.39
N SER A 34 -1.69 3.42 -4.20
CA SER A 34 -1.46 3.09 -5.61
C SER A 34 -2.52 3.74 -6.49
N LEU A 35 -2.08 4.28 -7.62
CA LEU A 35 -2.99 4.92 -8.58
C LEU A 35 -3.60 3.83 -9.46
N ILE A 36 -4.89 3.55 -9.26
CA ILE A 36 -5.56 2.52 -10.06
C ILE A 36 -6.27 3.11 -11.30
N SER A 37 -6.43 4.42 -11.31
CA SER A 37 -7.06 5.14 -12.43
C SER A 37 -6.63 6.61 -12.27
N PRO A 38 -6.70 7.40 -13.35
CA PRO A 38 -6.30 8.81 -13.25
C PRO A 38 -6.86 9.57 -12.05
N CYS A 39 -8.07 9.20 -11.61
CA CYS A 39 -8.70 9.89 -10.48
C CYS A 39 -8.77 9.10 -9.17
N TRP A 40 -8.30 7.86 -9.16
CA TRP A 40 -8.39 7.06 -7.95
C TRP A 40 -7.11 6.42 -7.43
N VAL A 41 -6.92 6.55 -6.12
CA VAL A 41 -5.78 5.98 -5.43
C VAL A 41 -6.37 5.00 -4.42
N ILE A 42 -5.76 3.83 -4.32
CA ILE A 42 -6.23 2.83 -3.38
C ILE A 42 -5.20 2.69 -2.27
N SER A 43 -5.67 2.70 -1.03
CA SER A 43 -4.79 2.61 0.13
C SER A 43 -5.43 1.73 1.19
N ALA A 44 -5.11 2.00 2.45
CA ALA A 44 -5.63 1.23 3.57
C ALA A 44 -6.46 2.10 4.51
N THR A 45 -7.58 1.58 4.99
CA THR A 45 -8.44 2.32 5.92
C THR A 45 -7.74 2.62 7.25
N HIS A 46 -6.86 1.71 7.68
CA HIS A 46 -6.09 1.88 8.92
C HIS A 46 -5.43 3.25 8.98
N CYS A 47 -5.02 3.76 7.82
CA CYS A 47 -4.35 5.04 7.71
C CYS A 47 -5.19 6.28 8.01
N PHE A 48 -6.50 6.19 7.78
CA PHE A 48 -7.38 7.34 7.95
C PHE A 48 -8.49 7.21 8.99
N ILE A 49 -8.67 6.01 9.54
CA ILE A 49 -9.75 5.76 10.51
C ILE A 49 -9.81 6.73 11.70
N ASP A 50 -8.66 7.15 12.21
CA ASP A 50 -8.63 8.07 13.36
C ASP A 50 -8.76 9.54 12.98
N TYR A 51 -8.63 9.86 11.70
CA TYR A 51 -8.74 11.24 11.21
C TYR A 51 -9.42 11.21 9.84
N PRO A 52 -10.74 10.91 9.83
CA PRO A 52 -11.55 10.83 8.60
C PRO A 52 -11.81 12.12 7.83
N LYS A 53 -11.06 13.18 8.10
CA LYS A 53 -11.24 14.45 7.39
C LYS A 53 -10.45 14.45 6.10
N LYS A 54 -11.14 14.42 4.97
CA LYS A 54 -10.49 14.41 3.65
C LYS A 54 -9.68 15.68 3.38
N GLU A 55 -10.13 16.80 3.97
CA GLU A 55 -9.47 18.08 3.76
C GLU A 55 -8.05 18.14 4.33
N ASP A 56 -7.76 17.29 5.31
CA ASP A 56 -6.44 17.26 5.94
C ASP A 56 -5.40 16.41 5.22
N TYR A 57 -5.74 15.88 4.05
CA TYR A 57 -4.80 15.04 3.30
C TYR A 57 -4.30 15.61 1.99
N ILE A 58 -3.05 15.26 1.67
CA ILE A 58 -2.40 15.67 0.43
C ILE A 58 -1.86 14.40 -0.20
N VAL A 59 -2.06 14.25 -1.50
CA VAL A 59 -1.55 13.07 -2.21
C VAL A 59 -0.54 13.52 -3.27
N TYR A 60 0.63 12.87 -3.27
CA TYR A 60 1.67 13.17 -4.24
C TYR A 60 1.90 11.99 -5.17
N LEU A 61 2.01 12.29 -6.46
CA LEU A 61 2.28 11.28 -7.47
C LEU A 61 3.59 11.71 -8.13
N GLY A 62 4.39 10.73 -8.56
CA GLY A 62 5.67 11.03 -9.19
C GLY A 62 6.69 11.56 -8.19
N ARG A 63 6.56 11.15 -6.93
CA ARG A 63 7.43 11.59 -5.85
C ARG A 63 8.38 10.47 -5.40
N SER A 64 9.68 10.76 -5.41
CA SER A 64 10.70 9.79 -5.01
C SER A 64 11.23 10.02 -3.59
N ARG A 65 11.07 11.23 -3.09
CA ARG A 65 11.56 11.60 -1.77
C ARG A 65 10.48 12.05 -0.78
N LEU A 66 10.74 11.80 0.50
CA LEU A 66 9.83 12.15 1.57
C LEU A 66 9.54 13.63 1.78
N ASN A 67 10.59 14.39 2.09
CA ASN A 67 10.43 15.81 2.38
C ASN A 67 10.93 16.77 1.30
N SER A 68 11.34 16.25 0.16
CA SER A 68 11.82 17.09 -0.92
C SER A 68 11.06 16.85 -2.22
N ASN A 69 11.08 17.85 -3.09
CA ASN A 69 10.38 17.77 -4.37
C ASN A 69 11.12 16.89 -5.39
N THR A 70 10.37 16.47 -6.41
CA THR A 70 10.90 15.64 -7.50
C THR A 70 10.25 16.22 -8.75
N GLN A 71 11.05 16.62 -9.73
CA GLN A 71 10.49 17.20 -10.95
C GLN A 71 9.54 16.22 -11.64
N GLY A 72 8.41 16.76 -12.10
CA GLY A 72 7.40 15.94 -12.75
C GLY A 72 6.33 15.52 -11.77
N GLU A 73 6.58 15.72 -10.47
CA GLU A 73 5.62 15.35 -9.44
C GLU A 73 4.37 16.21 -9.52
N MET A 74 3.27 15.67 -9.00
CA MET A 74 1.99 16.38 -9.00
C MET A 74 1.33 16.23 -7.64
N LYS A 75 0.82 17.35 -7.13
CA LYS A 75 0.16 17.43 -5.83
C LYS A 75 -1.36 17.40 -6.02
N PHE A 76 -2.06 16.63 -5.18
CA PHE A 76 -3.51 16.51 -5.27
C PHE A 76 -4.22 16.66 -3.94
N GLU A 77 -5.46 17.13 -4.00
CA GLU A 77 -6.32 17.27 -2.84
C GLU A 77 -7.19 16.01 -2.88
N VAL A 78 -7.87 15.71 -1.79
CA VAL A 78 -8.73 14.53 -1.73
C VAL A 78 -10.19 14.98 -1.81
N GLU A 79 -10.81 14.69 -2.94
CA GLU A 79 -12.20 15.06 -3.19
C GLU A 79 -13.16 14.16 -2.42
N ASN A 80 -12.79 12.89 -2.29
CA ASN A 80 -13.62 11.93 -1.58
C ASN A 80 -12.75 10.87 -0.90
N LEU A 81 -13.02 10.63 0.37
CA LEU A 81 -12.29 9.64 1.15
C LEU A 81 -13.28 8.53 1.49
N ILE A 82 -13.09 7.38 0.86
CA ILE A 82 -13.98 6.24 1.09
C ILE A 82 -13.32 5.15 1.92
N LEU A 83 -13.76 5.02 3.17
CA LEU A 83 -13.23 4.02 4.08
C LEU A 83 -14.17 2.82 4.08
N HIS A 84 -13.63 1.63 4.25
CA HIS A 84 -14.46 0.43 4.25
C HIS A 84 -15.26 0.38 5.54
N LYS A 85 -16.57 0.21 5.40
CA LYS A 85 -17.50 0.16 6.52
C LYS A 85 -17.26 -0.95 7.54
N ASP A 86 -16.81 -2.11 7.07
CA ASP A 86 -16.55 -3.24 7.95
C ASP A 86 -15.11 -3.38 8.42
N TYR A 87 -14.39 -2.27 8.43
CA TYR A 87 -13.00 -2.29 8.90
C TYR A 87 -13.00 -2.55 10.40
N SER A 88 -12.02 -3.33 10.85
CA SER A 88 -11.87 -3.62 12.28
C SER A 88 -10.46 -4.10 12.56
N ALA A 89 -9.97 -3.79 13.75
CA ALA A 89 -8.62 -4.19 14.15
C ALA A 89 -8.65 -5.04 15.42
N ASP A 90 -8.11 -6.25 15.32
CA ASP A 90 -8.03 -7.16 16.45
C ASP A 90 -6.67 -7.04 17.13
N THR A 91 -6.22 -8.12 17.77
CA THR A 91 -4.94 -8.14 18.44
C THR A 91 -3.85 -7.76 17.44
N LEU A 92 -3.80 -8.48 16.33
CA LEU A 92 -2.83 -8.22 15.28
C LEU A 92 -3.52 -7.92 13.95
N ALA A 93 -4.53 -8.71 13.64
CA ALA A 93 -5.27 -8.60 12.39
C ALA A 93 -6.09 -7.34 12.15
N HIS A 94 -6.02 -6.86 10.92
CA HIS A 94 -6.77 -5.68 10.47
C HIS A 94 -7.62 -6.19 9.32
N HIS A 95 -8.94 -6.16 9.53
CA HIS A 95 -9.88 -6.68 8.53
C HIS A 95 -10.44 -5.61 7.61
N ASN A 96 -10.68 -5.99 6.37
CA ASN A 96 -11.20 -5.07 5.35
C ASN A 96 -10.40 -3.77 5.36
N ASP A 97 -9.08 -3.92 5.42
CA ASP A 97 -8.17 -2.79 5.45
C ASP A 97 -7.93 -2.30 4.03
N ILE A 98 -8.88 -1.49 3.55
CA ILE A 98 -8.82 -0.98 2.20
C ILE A 98 -9.60 0.33 2.14
N ALA A 99 -9.09 1.28 1.36
CA ALA A 99 -9.70 2.58 1.23
C ALA A 99 -9.47 3.14 -0.17
N LEU A 100 -10.38 4.02 -0.60
CA LEU A 100 -10.28 4.66 -1.89
C LEU A 100 -10.23 6.16 -1.71
N LEU A 101 -9.35 6.82 -2.45
CA LEU A 101 -9.22 8.27 -2.39
C LEU A 101 -9.42 8.87 -3.77
N LYS A 102 -10.47 9.66 -3.93
CA LYS A 102 -10.67 10.30 -5.22
C LYS A 102 -9.85 11.57 -5.13
N ILE A 103 -8.94 11.73 -6.09
CA ILE A 103 -8.05 12.88 -6.10
C ILE A 103 -8.36 13.90 -7.17
N ARG A 104 -7.91 15.13 -6.93
CA ARG A 104 -8.07 16.21 -7.89
C ARG A 104 -7.10 17.32 -7.55
N SER A 105 -6.49 17.90 -8.56
CA SER A 105 -5.55 19.00 -8.37
C SER A 105 -6.35 20.26 -8.07
N LYS A 106 -5.66 21.37 -7.81
CA LYS A 106 -6.34 22.62 -7.51
C LYS A 106 -7.15 23.14 -8.68
N GLU A 107 -6.82 22.68 -9.90
CA GLU A 107 -7.53 23.06 -11.11
C GLU A 107 -8.69 22.11 -11.41
N GLY A 108 -8.89 21.14 -10.53
CA GLY A 108 -9.96 20.18 -10.69
C GLY A 108 -9.68 19.04 -11.65
N ARG A 109 -8.42 18.80 -11.95
CA ARG A 109 -8.04 17.72 -12.88
C ARG A 109 -7.48 16.50 -12.18
N CYS A 110 -7.50 15.37 -12.86
CA CYS A 110 -6.98 14.13 -12.31
C CYS A 110 -5.53 13.94 -12.77
N ALA A 111 -4.92 12.82 -12.42
CA ALA A 111 -3.54 12.56 -12.80
C ALA A 111 -3.35 12.48 -14.30
N GLN A 112 -2.23 13.04 -14.78
CA GLN A 112 -1.88 13.01 -16.20
C GLN A 112 -0.72 12.04 -16.30
N PRO A 113 -0.89 10.92 -17.02
CA PRO A 113 0.17 9.92 -17.18
C PRO A 113 1.46 10.46 -17.75
N SER A 114 2.57 9.93 -17.24
CA SER A 114 3.90 10.33 -17.67
C SER A 114 4.85 9.18 -17.35
N ARG A 115 6.15 9.43 -17.47
CA ARG A 115 7.16 8.42 -17.19
C ARG A 115 7.22 8.15 -15.68
N THR A 116 6.77 9.13 -14.89
CA THR A 116 6.79 9.03 -13.44
C THR A 116 5.42 8.82 -12.80
N ILE A 117 4.36 8.88 -13.62
CA ILE A 117 2.99 8.70 -13.12
C ILE A 117 2.21 7.76 -14.02
N GLN A 118 2.01 6.53 -13.53
CA GLN A 118 1.28 5.51 -14.28
C GLN A 118 0.35 4.74 -13.35
N THR A 119 -0.72 4.20 -13.92
CA THR A 119 -1.68 3.41 -13.15
C THR A 119 -1.27 1.95 -13.19
N ILE A 120 -1.72 1.18 -12.19
CA ILE A 120 -1.45 -0.26 -12.17
C ILE A 120 -2.76 -0.99 -12.38
N SER A 121 -2.68 -2.12 -13.08
CA SER A 121 -3.86 -2.91 -13.36
C SER A 121 -4.34 -3.66 -12.13
N LEU A 122 -5.66 -3.75 -12.00
CA LEU A 122 -6.27 -4.49 -10.90
C LEU A 122 -6.34 -5.95 -11.35
N PRO A 123 -6.42 -6.90 -10.42
CA PRO A 123 -6.49 -8.33 -10.75
C PRO A 123 -7.88 -8.69 -11.26
N SER A 124 -8.03 -9.91 -11.76
CA SER A 124 -9.30 -10.42 -12.23
C SER A 124 -9.96 -11.11 -11.05
N MET A 125 -11.28 -11.32 -11.12
CA MET A 125 -12.03 -11.96 -10.05
C MET A 125 -11.40 -13.26 -9.57
N TYR A 126 -11.01 -13.29 -8.29
CA TYR A 126 -10.40 -14.44 -7.65
C TYR A 126 -9.15 -15.00 -8.35
N ASN A 127 -8.58 -14.23 -9.26
CA ASN A 127 -7.38 -14.68 -9.98
C ASN A 127 -6.11 -14.12 -9.37
N ASP A 128 -5.49 -14.90 -8.49
CA ASP A 128 -4.27 -14.50 -7.83
C ASP A 128 -3.10 -15.35 -8.29
N PRO A 129 -1.88 -14.84 -8.16
CA PRO A 129 -0.68 -15.59 -8.56
C PRO A 129 -0.55 -16.84 -7.69
N GLN A 130 0.11 -17.86 -8.21
CA GLN A 130 0.31 -19.10 -7.47
C GLN A 130 1.23 -18.80 -6.30
N PHE A 131 1.06 -19.52 -5.19
CA PHE A 131 1.90 -19.31 -4.02
C PHE A 131 3.32 -19.75 -4.32
N GLY A 132 4.27 -18.89 -3.95
CA GLY A 132 5.67 -19.15 -4.22
C GLY A 132 6.14 -18.13 -5.24
N THR A 133 5.19 -17.36 -5.78
CA THR A 133 5.47 -16.33 -6.77
C THR A 133 6.13 -15.11 -6.12
N SER A 134 7.14 -14.57 -6.79
CA SER A 134 7.85 -13.39 -6.31
C SER A 134 7.05 -12.14 -6.65
N CYS A 135 6.93 -11.25 -5.67
CA CYS A 135 6.21 -9.98 -5.84
C CYS A 135 7.02 -8.87 -5.18
N GLU A 136 6.70 -7.62 -5.51
CA GLU A 136 7.42 -6.50 -4.93
C GLU A 136 6.55 -5.57 -4.09
N ILE A 137 7.15 -4.99 -3.06
CA ILE A 137 6.47 -4.01 -2.22
C ILE A 137 7.30 -2.74 -2.26
N THR A 138 6.63 -1.60 -2.10
CA THR A 138 7.31 -0.31 -2.14
C THR A 138 6.77 0.54 -1.00
N GLY A 139 7.63 1.41 -0.46
CA GLY A 139 7.18 2.26 0.63
C GLY A 139 8.26 3.14 1.23
N PHE A 140 7.83 4.08 2.07
CA PHE A 140 8.71 5.02 2.77
C PHE A 140 8.74 4.61 4.25
N GLY A 141 8.28 3.39 4.54
CA GLY A 141 8.26 2.93 5.92
C GLY A 141 9.62 2.71 6.55
N LYS A 142 9.61 2.37 7.83
CA LYS A 142 10.83 2.13 8.60
C LYS A 142 11.77 1.08 8.02
N GLU A 143 13.07 1.33 8.20
CA GLU A 143 14.13 0.43 7.70
C GLU A 143 14.54 -0.57 8.77
N ASN A 144 14.25 -0.23 10.02
CA ASN A 144 14.56 -1.06 11.19
C ASN A 144 13.46 -0.77 12.20
N SER A 145 13.08 -1.78 12.98
CA SER A 145 12.03 -1.62 13.98
C SER A 145 12.38 -0.57 15.04
N THR A 146 13.68 -0.39 15.30
CA THR A 146 14.15 0.57 16.29
C THR A 146 14.23 2.01 15.79
N ASP A 147 13.99 2.22 14.50
CA ASP A 147 14.01 3.58 13.95
C ASP A 147 12.73 4.32 14.37
N TYR A 148 12.82 5.64 14.47
CA TYR A 148 11.65 6.46 14.81
C TYR A 148 11.40 7.45 13.67
N LEU A 149 12.29 7.43 12.68
CA LEU A 149 12.19 8.28 11.50
C LEU A 149 12.08 7.39 10.28
N TYR A 150 11.48 7.93 9.21
CA TYR A 150 11.34 7.21 7.96
C TYR A 150 12.48 7.61 7.02
N PRO A 151 12.87 6.70 6.11
CA PRO A 151 13.95 6.99 5.15
C PRO A 151 13.49 8.12 4.22
N GLU A 152 14.45 8.89 3.72
CA GLU A 152 14.13 10.01 2.85
C GLU A 152 13.90 9.59 1.39
N GLN A 153 14.39 8.41 1.03
CA GLN A 153 14.25 7.91 -0.33
C GLN A 153 13.36 6.68 -0.39
N LEU A 154 12.52 6.61 -1.42
CA LEU A 154 11.60 5.49 -1.60
C LEU A 154 12.37 4.17 -1.65
N LYS A 155 11.78 3.11 -1.09
CA LYS A 155 12.43 1.81 -1.09
C LYS A 155 11.53 0.74 -1.67
N MET A 156 12.14 -0.39 -2.02
CA MET A 156 11.41 -1.52 -2.56
C MET A 156 12.14 -2.81 -2.23
N THR A 157 11.40 -3.90 -2.24
CA THR A 157 11.98 -5.22 -2.00
C THR A 157 11.10 -6.28 -2.64
N VAL A 158 11.64 -7.49 -2.73
CA VAL A 158 10.92 -8.61 -3.31
C VAL A 158 10.65 -9.67 -2.25
N VAL A 159 9.39 -10.09 -2.16
CA VAL A 159 8.99 -11.10 -1.19
C VAL A 159 8.22 -12.20 -1.93
N LYS A 160 8.10 -13.36 -1.30
CA LYS A 160 7.39 -14.48 -1.91
C LYS A 160 6.03 -14.73 -1.27
N LEU A 161 5.04 -14.99 -2.11
CA LEU A 161 3.68 -15.28 -1.66
C LEU A 161 3.65 -16.62 -0.93
N ILE A 162 3.08 -16.61 0.26
CA ILE A 162 2.97 -17.80 1.09
C ILE A 162 1.51 -18.27 1.10
N SER A 163 1.32 -19.59 1.03
CA SER A 163 -0.03 -20.18 1.01
C SER A 163 -0.79 -19.93 2.31
N HIS A 164 -2.12 -19.98 2.22
CA HIS A 164 -2.95 -19.78 3.39
C HIS A 164 -2.72 -20.88 4.41
N ARG A 165 -2.49 -22.11 3.93
CA ARG A 165 -2.24 -23.24 4.83
C ARG A 165 -1.01 -22.99 5.69
N GLU A 166 0.05 -22.48 5.09
CA GLU A 166 1.29 -22.21 5.81
C GLU A 166 1.15 -21.03 6.77
N CYS A 167 0.50 -19.96 6.31
CA CYS A 167 0.33 -18.78 7.13
C CYS A 167 -0.64 -18.99 8.29
N GLN A 168 -1.45 -20.04 8.17
CA GLN A 168 -2.45 -20.39 9.18
C GLN A 168 -1.89 -21.35 10.24
N GLN A 169 -0.61 -21.69 10.13
CA GLN A 169 0.03 -22.58 11.08
C GLN A 169 0.11 -21.90 12.45
N PRO A 170 0.15 -22.69 13.54
CA PRO A 170 0.24 -22.20 14.92
C PRO A 170 1.37 -21.21 15.19
N HIS A 171 2.58 -21.54 14.72
CA HIS A 171 3.73 -20.67 14.93
C HIS A 171 3.76 -19.44 14.04
N TYR A 172 2.86 -19.40 13.05
CA TYR A 172 2.76 -18.25 12.17
C TYR A 172 1.65 -17.34 12.73
N TYR A 173 0.49 -17.34 12.09
CA TYR A 173 -0.61 -16.50 12.56
C TYR A 173 -1.88 -17.23 12.98
N GLY A 174 -1.90 -18.55 12.80
CA GLY A 174 -3.07 -19.33 13.16
C GLY A 174 -4.32 -18.87 12.44
N SER A 175 -5.45 -18.91 13.14
CA SER A 175 -6.72 -18.51 12.55
C SER A 175 -6.93 -17.01 12.38
N GLU A 176 -5.91 -16.21 12.71
CA GLU A 176 -6.00 -14.75 12.60
C GLU A 176 -6.00 -14.28 11.13
N VAL A 177 -5.33 -15.03 10.27
CA VAL A 177 -5.28 -14.69 8.84
C VAL A 177 -6.48 -15.33 8.17
N THR A 178 -7.15 -14.56 7.31
CA THR A 178 -8.34 -15.01 6.61
C THR A 178 -8.11 -15.12 5.10
N THR A 179 -9.11 -15.61 4.38
CA THR A 179 -9.02 -15.75 2.93
C THR A 179 -9.08 -14.40 2.23
N LYS A 180 -9.40 -13.35 2.97
CA LYS A 180 -9.45 -12.00 2.40
C LYS A 180 -8.08 -11.36 2.55
N MET A 181 -7.08 -12.14 2.97
CA MET A 181 -5.73 -11.65 3.18
C MET A 181 -4.72 -12.56 2.51
N LEU A 182 -3.54 -12.02 2.20
CA LEU A 182 -2.46 -12.79 1.58
C LEU A 182 -1.20 -12.59 2.40
N CYS A 183 -0.42 -13.65 2.58
CA CYS A 183 0.83 -13.55 3.32
C CYS A 183 1.98 -13.61 2.35
N ALA A 184 3.02 -12.84 2.66
CA ALA A 184 4.21 -12.79 1.83
C ALA A 184 5.41 -12.54 2.73
N ALA A 185 6.52 -13.17 2.40
CA ALA A 185 7.74 -13.02 3.18
C ALA A 185 8.97 -13.45 2.41
N ASP A 186 10.12 -13.05 2.93
CA ASP A 186 11.41 -13.40 2.39
C ASP A 186 11.72 -14.76 2.97
N PRO A 187 12.10 -15.74 2.13
CA PRO A 187 12.41 -17.07 2.66
C PRO A 187 13.49 -17.04 3.74
N GLN A 188 14.32 -16.00 3.71
CA GLN A 188 15.41 -15.82 4.68
C GLN A 188 14.99 -14.93 5.85
N TRP A 189 13.78 -14.35 5.76
CA TRP A 189 13.24 -13.47 6.81
C TRP A 189 14.11 -12.25 7.06
N LYS A 190 14.74 -11.75 5.99
CA LYS A 190 15.64 -10.60 6.07
C LYS A 190 14.98 -9.30 5.59
N THR A 191 14.01 -9.41 4.68
CA THR A 191 13.33 -8.23 4.16
C THR A 191 11.81 -8.33 4.39
N ASP A 192 11.16 -7.18 4.57
CA ASP A 192 9.73 -7.17 4.86
C ASP A 192 9.23 -5.73 4.90
N SER A 193 7.92 -5.56 5.00
CA SER A 193 7.32 -4.23 5.13
C SER A 193 7.35 -3.91 6.62
N CYS A 194 7.19 -2.64 6.99
CA CYS A 194 7.20 -2.26 8.40
C CYS A 194 6.32 -1.01 8.59
N GLN A 195 6.28 -0.48 9.81
CA GLN A 195 5.47 0.70 10.08
C GLN A 195 5.77 1.81 9.10
N GLY A 196 4.73 2.41 8.54
CA GLY A 196 4.90 3.46 7.57
C GLY A 196 4.69 2.96 6.14
N ASP A 197 4.63 1.63 5.97
CA ASP A 197 4.42 1.04 4.65
C ASP A 197 2.95 0.73 4.36
N SER A 198 2.09 0.81 5.37
CA SER A 198 0.67 0.54 5.20
C SER A 198 0.09 1.29 4.00
N GLY A 199 -0.84 0.65 3.30
CA GLY A 199 -1.48 1.27 2.15
C GLY A 199 -0.72 1.07 0.84
N GLY A 200 0.57 0.77 0.94
CA GLY A 200 1.39 0.57 -0.25
C GLY A 200 1.03 -0.69 -1.02
N PRO A 201 1.53 -0.81 -2.26
CA PRO A 201 1.23 -1.98 -3.09
C PRO A 201 2.15 -3.20 -2.99
N LEU A 202 1.53 -4.35 -3.19
CA LEU A 202 2.20 -5.63 -3.28
C LEU A 202 1.89 -5.89 -4.74
N VAL A 203 2.90 -5.76 -5.60
CA VAL A 203 2.73 -5.95 -7.03
C VAL A 203 3.29 -7.28 -7.53
N CYS A 204 2.51 -7.99 -8.33
CA CYS A 204 2.95 -9.27 -8.87
C CYS A 204 2.78 -9.31 -10.38
N SER A 205 3.72 -9.94 -11.05
CA SER A 205 3.66 -10.11 -12.50
C SER A 205 2.76 -11.31 -12.73
N LEU A 206 1.53 -11.06 -13.15
CA LEU A 206 0.56 -12.11 -13.39
C LEU A 206 0.26 -12.20 -14.89
N GLN A 207 0.67 -13.31 -15.50
CA GLN A 207 0.45 -13.56 -16.93
C GLN A 207 1.01 -12.43 -17.79
N GLY A 208 2.27 -12.07 -17.54
CA GLY A 208 2.93 -11.02 -18.29
C GLY A 208 2.37 -9.63 -18.11
N ARG A 209 1.89 -9.31 -16.90
CA ARG A 209 1.32 -8.00 -16.63
C ARG A 209 1.44 -7.64 -15.15
N MET A 210 1.93 -6.43 -14.87
CA MET A 210 2.09 -5.94 -13.49
C MET A 210 0.71 -5.75 -12.89
N THR A 211 0.42 -6.48 -11.82
CA THR A 211 -0.88 -6.42 -11.18
C THR A 211 -0.85 -6.03 -9.70
N LEU A 212 -1.82 -5.22 -9.27
CA LEU A 212 -1.93 -4.81 -7.87
C LEU A 212 -2.57 -6.00 -7.14
N THR A 213 -1.74 -6.89 -6.62
CA THR A 213 -2.22 -8.08 -5.93
C THR A 213 -2.60 -7.87 -4.47
N GLY A 214 -1.92 -6.96 -3.78
CA GLY A 214 -2.25 -6.75 -2.39
C GLY A 214 -1.94 -5.36 -1.89
N ILE A 215 -2.40 -5.07 -0.67
CA ILE A 215 -2.16 -3.76 -0.04
C ILE A 215 -1.53 -4.06 1.30
N VAL A 216 -0.40 -3.41 1.59
CA VAL A 216 0.31 -3.61 2.86
C VAL A 216 -0.67 -3.31 4.00
N SER A 217 -0.81 -4.27 4.91
CA SER A 217 -1.75 -4.11 6.00
C SER A 217 -1.21 -4.33 7.42
N TRP A 218 -0.76 -5.55 7.72
CA TRP A 218 -0.29 -5.82 9.07
C TRP A 218 0.70 -6.96 9.21
N GLY A 219 1.20 -7.14 10.43
CA GLY A 219 2.15 -8.20 10.70
C GLY A 219 2.78 -8.03 12.06
N ARG A 220 3.18 -9.14 12.67
CA ARG A 220 3.83 -9.12 13.98
C ARG A 220 5.27 -8.67 13.79
N GLY A 221 5.60 -7.50 14.33
CA GLY A 221 6.95 -6.98 14.20
C GLY A 221 7.30 -6.69 12.75
N CYS A 222 8.58 -6.77 12.42
CA CYS A 222 9.06 -6.54 11.05
C CYS A 222 10.26 -7.42 10.77
N ALA A 223 10.16 -8.24 9.72
CA ALA A 223 11.24 -9.15 9.33
C ALA A 223 11.60 -10.16 10.41
N LEU A 224 10.61 -10.59 11.18
CA LEU A 224 10.81 -11.58 12.23
C LEU A 224 10.49 -12.95 11.63
N LYS A 225 11.20 -13.98 12.08
CA LYS A 225 11.01 -15.34 11.58
C LYS A 225 9.60 -15.87 11.86
N ASP A 226 9.03 -16.53 10.86
CA ASP A 226 7.69 -17.13 10.94
C ASP A 226 6.55 -16.12 11.11
N LYS A 227 6.86 -14.84 10.88
CA LYS A 227 5.86 -13.77 11.00
C LYS A 227 5.85 -12.95 9.71
N PRO A 228 5.21 -13.48 8.67
CA PRO A 228 5.12 -12.81 7.37
C PRO A 228 4.30 -11.53 7.41
N GLY A 229 4.51 -10.68 6.41
CA GLY A 229 3.71 -9.48 6.31
C GLY A 229 2.37 -9.94 5.77
N VAL A 230 1.29 -9.34 6.23
CA VAL A 230 -0.05 -9.73 5.75
C VAL A 230 -0.61 -8.58 4.92
N TYR A 231 -1.21 -8.94 3.78
CA TYR A 231 -1.74 -7.97 2.83
C TYR A 231 -3.21 -8.16 2.54
N THR A 232 -3.89 -7.06 2.27
CA THR A 232 -5.30 -7.10 1.91
C THR A 232 -5.38 -7.67 0.50
N ARG A 233 -6.11 -8.77 0.34
CA ARG A 233 -6.26 -9.45 -0.94
C ARG A 233 -7.19 -8.64 -1.85
N VAL A 234 -6.59 -7.87 -2.76
CA VAL A 234 -7.35 -7.02 -3.68
C VAL A 234 -8.39 -7.73 -4.53
N SER A 235 -8.09 -8.92 -5.03
CA SER A 235 -9.03 -9.67 -5.86
C SER A 235 -10.39 -9.95 -5.21
N HIS A 236 -10.43 -9.95 -3.87
CA HIS A 236 -11.68 -10.21 -3.15
C HIS A 236 -12.48 -8.94 -2.85
N PHE A 237 -11.97 -7.80 -3.30
CA PHE A 237 -12.66 -6.53 -3.05
C PHE A 237 -13.03 -5.80 -4.34
N LEU A 238 -12.97 -6.52 -5.47
CA LEU A 238 -13.32 -5.93 -6.75
C LEU A 238 -14.74 -5.37 -6.78
N PRO A 239 -15.72 -6.11 -6.22
CA PRO A 239 -17.10 -5.58 -6.23
C PRO A 239 -17.16 -4.27 -5.45
N TRP A 240 -16.46 -4.23 -4.32
CA TRP A 240 -16.40 -3.05 -3.46
C TRP A 240 -15.73 -1.89 -4.21
N ILE A 241 -14.62 -2.18 -4.86
CA ILE A 241 -13.87 -1.16 -5.61
C ILE A 241 -14.73 -0.57 -6.73
N ARG A 242 -15.30 -1.46 -7.55
CA ARG A 242 -16.14 -1.04 -8.66
C ARG A 242 -17.40 -0.27 -8.25
N SER A 243 -18.01 -0.66 -7.12
CA SER A 243 -19.22 0.00 -6.65
C SER A 243 -19.02 1.40 -6.07
N HIS A 244 -17.79 1.69 -5.63
CA HIS A 244 -17.49 3.01 -5.06
C HIS A 244 -16.81 3.95 -6.04
N THR A 245 -16.23 3.41 -7.10
CA THR A 245 -15.53 4.23 -8.09
C THR A 245 -16.41 4.72 -9.24
N LYS A 246 -17.54 4.07 -9.47
CA LYS A 246 -18.44 4.47 -10.55
C LYS A 246 -18.91 5.91 -10.41
N GLU A 247 -19.40 6.27 -9.22
CA GLU A 247 -19.85 7.64 -8.94
C GLU A 247 -20.50 7.70 -7.55
S SO4 B . -12.27 -11.21 7.44
O1 SO4 B . -10.95 -10.56 7.40
O2 SO4 B . -13.34 -10.23 7.15
O3 SO4 B . -12.49 -11.80 8.77
O4 SO4 B . -12.31 -12.29 6.42
C1 AGB C . 1.47 5.04 11.03
C2 AGB C . 0.71 5.17 12.39
C3 AGB C . 1.95 3.56 10.82
C4 AGB C . 0.52 5.45 9.86
C5 AGB C . -1.47 4.63 11.20
C6 AGB C . -0.52 4.23 12.36
C7 AGB C . -0.72 4.51 9.85
C8 AGB C . -0.04 2.75 12.14
C9 AGB C . -0.26 3.04 9.62
C10 AGB C . 0.72 2.60 10.77
N1 AGB C . 1.50 -0.69 9.35
C12 AGB C . 1.61 0.64 9.50
N2 AGB C . 1.09 1.18 10.63
O1 AGB C . 2.18 1.29 8.62
C11 AGB C . 2.15 -1.37 8.25
C13 AGB C . 2.45 -3.87 7.90
C14 AGB C . 2.73 -2.73 8.67
C15 AGB C . 3.54 -2.84 9.83
C16 AGB C . 4.17 -4.06 10.11
C17 AGB C . 3.98 -5.15 9.25
C18 AGB C . 3.13 -5.06 8.15
N3 AGB C . 4.83 -6.30 9.73
N4 AGB C . 5.53 -7.03 7.48
C19 AGB C . 5.33 -6.97 8.75
N5 AGB C . 5.81 -7.98 9.43
#